data_2MCO
#
_entry.id   2MCO
#
loop_
_entity.id
_entity.type
_entity.pdbx_description
1 polymer 'human telomere quadruplex'
2 non-polymer "tetrakis(2,2'-bipyridine-kappa~2~N~1~,N~1'~)(mu-tetrapyrido[3,2-a:2',3'-c:3'',2''-h:2''',3'''-j]phenazine-1kappa~2~N~4~,N~5~:2kappa~2~N~13~,N~14~)diruthenium(4+) L enantiomer"
3 non-polymer 'SODIUM ION'
#
_entity_poly.entity_id   1
_entity_poly.type   'polydeoxyribonucleotide'
_entity_poly.pdbx_seq_one_letter_code
;(DA)(DG)(DG)(DG)(DT)(DT)(DA)(DG)(DG)(DG)(DT)(DT)(DA)(DG)(DG)(DG)(DT)(DT)(DA)(DG)
(DG)(DG)
;
_entity_poly.pdbx_strand_id   A
#